data_7S1A
#
_entry.id   7S1A
#
_cell.length_a   56.815
_cell.length_b   56.815
_cell.length_c   122.924
_cell.angle_alpha   90.000
_cell.angle_beta   90.000
_cell.angle_gamma   120.000
#
_symmetry.space_group_name_H-M   'P 31'
#
loop_
_entity.id
_entity.type
_entity.pdbx_description
1 polymer 'Putative NAD(P)H nitroreductase'
2 non-polymer 'FLAVIN MONONUCLEOTIDE'
3 non-polymer 'CHLORIDE ION'
4 non-polymer 'ACETIC ACID'
5 water water
#
_entity_poly.entity_id   1
_entity_poly.type   'polypeptide(L)'
_entity_poly.pdbx_seq_one_letter_code
;SNA(MSE)TQLTREQVLELFHQRSSTRYYDPTKKISDEDFECILECGRLSPSSVGSEPWKFLVIQNKTLREK(MSE)KPF
SWG(MSE)INQLDNCSHLVVILAKKNARYDSPFFVDV(MSE)ARKGLNAEQQQAALTKYKALQEED(MSE)KLLENDRTL
FDWCSKQTYIALAN(MSE)LTGASALGIDSCPIEGFHYDK(MSE)NECLAEEGLFDPQEYAVSVAATFGYRSRDIAKKSR
KGLDEVVKWVG
;
_entity_poly.pdbx_strand_id   A,B
#
loop_
_chem_comp.id
_chem_comp.type
_chem_comp.name
_chem_comp.formula
ACY non-polymer 'ACETIC ACID' 'C2 H4 O2'
CL non-polymer 'CHLORIDE ION' 'Cl -1'
FMN non-polymer 'FLAVIN MONONUCLEOTIDE' 'C17 H21 N4 O9 P'
#
# COMPACT_ATOMS: atom_id res chain seq x y z
N THR A 5 -9.30 13.71 -15.52
CA THR A 5 -8.20 12.86 -15.97
C THR A 5 -8.72 11.47 -16.31
N GLN A 6 -8.52 11.07 -17.57
CA GLN A 6 -9.10 9.84 -18.08
C GLN A 6 -8.08 9.12 -18.97
N LEU A 7 -8.14 7.78 -18.94
CA LEU A 7 -7.24 6.97 -19.73
C LEU A 7 -7.97 5.75 -20.27
N THR A 8 -7.60 5.33 -21.47
CA THR A 8 -8.06 4.07 -22.01
C THR A 8 -7.42 2.91 -21.24
N ARG A 9 -8.07 1.75 -21.33
CA ARG A 9 -7.49 0.54 -20.74
C ARG A 9 -6.07 0.32 -21.27
N GLU A 10 -5.84 0.67 -22.53
CA GLU A 10 -4.50 0.51 -23.10
C GLU A 10 -3.48 1.37 -22.35
N GLN A 11 -3.85 2.61 -22.03
CA GLN A 11 -2.91 3.51 -21.36
C GLN A 11 -2.73 3.12 -19.89
N VAL A 12 -3.81 2.70 -19.24
CA VAL A 12 -3.74 2.31 -17.83
C VAL A 12 -2.78 1.15 -17.66
N LEU A 13 -2.93 0.11 -18.48
CA LEU A 13 -1.99 -1.01 -18.48
C LEU A 13 -0.56 -0.53 -18.68
N GLU A 14 -0.34 0.35 -19.67
CA GLU A 14 1.01 0.87 -19.91
C GLU A 14 1.53 1.63 -18.71
N LEU A 15 0.67 2.41 -18.06
CA LEU A 15 1.07 3.12 -16.85
C LEU A 15 1.70 2.17 -15.84
N PHE A 16 1.00 1.08 -15.51
CA PHE A 16 1.51 0.22 -14.45
C PHE A 16 2.59 -0.72 -14.95
N HIS A 17 2.68 -0.88 -16.27
CA HIS A 17 3.77 -1.62 -16.87
C HIS A 17 5.04 -0.79 -16.98
N GLN A 18 4.93 0.50 -17.31
CA GLN A 18 6.14 1.29 -17.52
C GLN A 18 6.86 1.59 -16.20
N ARG A 19 6.19 1.42 -15.07
CA ARG A 19 6.80 1.67 -13.76
C ARG A 19 7.65 0.46 -13.40
N SER A 20 8.95 0.64 -13.33
CA SER A 20 9.85 -0.42 -12.85
C SER A 20 10.69 0.07 -11.68
N SER A 21 11.22 -0.90 -10.92
CA SER A 21 12.14 -0.63 -9.82
C SER A 21 13.56 -0.48 -10.38
N THR A 22 14.10 0.74 -10.32
CA THR A 22 15.41 1.04 -10.87
C THR A 22 16.49 0.91 -9.79
N ARG A 23 17.49 0.06 -10.06
CA ARG A 23 18.60 -0.15 -9.13
C ARG A 23 19.80 0.71 -9.46
N TYR A 24 19.85 1.27 -10.67
CA TYR A 24 20.98 2.04 -11.15
C TYR A 24 20.46 3.38 -11.66
N TYR A 25 20.85 4.45 -10.98
CA TYR A 25 20.42 5.80 -11.29
C TYR A 25 21.53 6.59 -11.97
N ASP A 26 21.10 7.50 -12.83
CA ASP A 26 22.01 8.41 -13.51
C ASP A 26 22.20 9.63 -12.62
N PRO A 27 23.39 9.89 -12.09
CA PRO A 27 23.56 10.95 -11.09
C PRO A 27 23.50 12.35 -11.67
N THR A 28 23.39 12.48 -12.99
CA THR A 28 23.32 13.78 -13.65
C THR A 28 21.92 14.38 -13.58
N LYS A 29 20.89 13.54 -13.68
CA LYS A 29 19.53 14.02 -13.77
C LYS A 29 18.93 14.18 -12.38
N LYS A 30 18.36 15.34 -12.13
CA LYS A 30 17.68 15.65 -10.88
C LYS A 30 16.24 16.08 -11.17
N ILE A 31 15.32 15.61 -10.32
CA ILE A 31 13.89 15.90 -10.43
C ILE A 31 13.62 17.35 -10.09
N SER A 32 12.75 18.01 -10.85
CA SER A 32 12.45 19.41 -10.59
C SER A 32 11.66 19.56 -9.29
N ASP A 33 11.81 20.72 -8.66
CA ASP A 33 11.03 21.00 -7.45
C ASP A 33 9.54 20.91 -7.71
N GLU A 34 9.08 21.20 -8.92
CA GLU A 34 7.64 21.11 -9.17
C GLU A 34 7.21 19.67 -9.30
N ASP A 35 7.93 18.89 -10.10
CA ASP A 35 7.64 17.45 -10.24
C ASP A 35 7.64 16.75 -8.89
N PHE A 36 8.67 16.99 -8.06
CA PHE A 36 8.77 16.21 -6.82
C PHE A 36 7.70 16.59 -5.82
N GLU A 37 7.37 17.89 -5.73
CA GLU A 37 6.19 18.24 -4.93
C GLU A 37 4.96 17.50 -5.43
N CYS A 38 4.83 17.35 -6.74
CA CYS A 38 3.71 16.60 -7.28
C CYS A 38 3.71 15.17 -6.75
N ILE A 39 4.87 14.51 -6.79
CA ILE A 39 5.02 13.16 -6.25
C ILE A 39 4.61 13.11 -4.78
N LEU A 40 5.14 14.04 -3.97
CA LEU A 40 4.76 14.08 -2.55
C LEU A 40 3.25 14.20 -2.38
N GLU A 41 2.63 15.08 -3.18
CA GLU A 41 1.18 15.25 -3.13
C GLU A 41 0.43 13.93 -3.35
N CYS A 42 0.96 13.05 -4.21
CA CYS A 42 0.32 11.76 -4.42
C CYS A 42 0.25 10.95 -3.12
N GLY A 43 1.31 11.00 -2.31
CA GLY A 43 1.22 10.37 -1.01
C GLY A 43 0.22 11.05 -0.12
N ARG A 44 0.31 12.38 -0.03
CA ARG A 44 -0.52 13.12 0.93
C ARG A 44 -2.01 12.97 0.65
N LEU A 45 -2.39 12.87 -0.63
CA LEU A 45 -3.78 12.69 -1.05
C LEU A 45 -4.25 11.25 -0.98
N SER A 46 -3.39 10.32 -0.57
CA SER A 46 -3.76 8.92 -0.53
C SER A 46 -4.88 8.65 0.48
N PRO A 47 -5.70 7.65 0.22
CA PRO A 47 -6.68 7.23 1.22
C PRO A 47 -6.01 6.49 2.36
N SER A 48 -6.69 6.44 3.51
CA SER A 48 -6.20 5.72 4.66
C SER A 48 -7.38 5.31 5.53
N SER A 49 -7.28 4.13 6.15
CA SER A 49 -8.29 3.65 7.07
C SER A 49 -8.68 4.74 8.05
N VAL A 50 -9.98 4.86 8.29
CA VAL A 50 -10.67 5.94 9.00
C VAL A 50 -10.00 7.29 8.82
N GLY A 51 -9.44 7.55 7.63
CA GLY A 51 -8.86 8.86 7.38
C GLY A 51 -7.73 9.19 8.34
N SER A 52 -6.97 8.18 8.71
CA SER A 52 -5.98 8.36 9.77
C SER A 52 -4.67 8.99 9.29
N GLU A 53 -4.41 9.02 7.95
CA GLU A 53 -3.17 9.50 7.34
C GLU A 53 -1.94 9.32 8.22
N PRO A 54 -1.57 8.08 8.61
CA PRO A 54 -0.60 7.95 9.71
C PRO A 54 0.83 7.91 9.26
N TRP A 55 1.15 8.70 8.25
CA TRP A 55 2.48 8.74 7.66
C TRP A 55 3.19 10.05 7.96
N LYS A 56 4.48 10.06 7.67
CA LYS A 56 5.29 11.27 7.61
C LYS A 56 6.35 10.99 6.58
N PHE A 57 6.60 11.96 5.70
CA PHE A 57 7.51 11.77 4.57
C PHE A 57 8.80 12.52 4.87
N LEU A 58 9.84 11.79 5.23
CA LEU A 58 11.16 12.36 5.38
C LEU A 58 11.85 12.34 4.04
N VAL A 59 12.22 13.52 3.55
CA VAL A 59 12.92 13.69 2.29
C VAL A 59 14.41 13.88 2.59
N ILE A 60 15.22 12.84 2.33
CA ILE A 60 16.63 12.82 2.76
C ILE A 60 17.47 13.24 1.57
N GLN A 61 17.73 14.54 1.46
CA GLN A 61 18.65 15.04 0.45
C GLN A 61 20.05 15.25 0.97
N ASN A 62 20.25 15.27 2.27
CA ASN A 62 21.56 15.54 2.84
C ASN A 62 22.54 14.45 2.40
N LYS A 63 23.59 14.84 1.66
CA LYS A 63 24.50 13.85 1.11
C LYS A 63 25.24 13.10 2.23
N THR A 64 25.69 13.83 3.26
CA THR A 64 26.35 13.18 4.38
C THR A 64 25.42 12.18 5.07
N LEU A 65 24.15 12.51 5.23
CA LEU A 65 23.24 11.56 5.87
C LEU A 65 23.06 10.31 5.02
N ARG A 66 23.03 10.46 3.69
CA ARG A 66 22.83 9.30 2.82
C ARG A 66 23.99 8.31 2.96
N GLU A 67 25.21 8.81 3.14
CA GLU A 67 26.36 7.91 3.29
C GLU A 67 26.30 7.15 4.60
N LYS A 68 25.94 7.85 5.68
CA LYS A 68 25.81 7.21 6.98
C LYS A 68 24.83 6.05 6.96
N MSE A 69 23.97 5.96 5.93
CA MSE A 69 22.94 4.93 5.89
C MSE A 69 23.43 3.71 5.11
O MSE A 69 22.98 2.57 5.33
CB MSE A 69 21.66 5.45 5.21
CG MSE A 69 20.90 6.57 5.91
SE MSE A 69 19.51 7.19 4.69
CE MSE A 69 18.57 8.45 5.81
N LYS A 70 24.33 3.97 4.17
CA LYS A 70 24.85 2.92 3.31
C LYS A 70 25.27 1.66 4.05
N PRO A 71 26.02 1.73 5.17
CA PRO A 71 26.52 0.49 5.78
C PRO A 71 25.42 -0.47 6.22
N PHE A 72 24.20 0.01 6.46
CA PHE A 72 23.11 -0.89 6.79
C PHE A 72 21.95 -0.78 5.81
N SER A 73 22.17 -0.17 4.64
CA SER A 73 21.09 -0.07 3.66
C SER A 73 21.44 -0.82 2.38
N TRP A 74 21.72 -2.12 2.53
CA TRP A 74 22.19 -2.91 1.39
C TRP A 74 21.19 -2.91 0.23
N GLY A 75 19.89 -2.73 0.52
CA GLY A 75 18.92 -2.71 -0.54
C GLY A 75 19.02 -1.51 -1.46
N MSE A 76 19.74 -0.48 -1.07
CA MSE A 76 19.81 0.72 -1.90
C MSE A 76 21.21 1.33 -1.90
O MSE A 76 21.36 2.51 -2.23
CB MSE A 76 18.79 1.75 -1.41
CG MSE A 76 18.85 2.07 0.07
SE MSE A 76 17.72 3.60 0.52
CE MSE A 76 17.93 3.59 2.45
N ILE A 77 22.21 0.52 -1.58
CA ILE A 77 23.53 1.06 -1.23
C ILE A 77 24.15 1.80 -2.42
N ASN A 78 24.02 1.25 -3.61
CA ASN A 78 24.43 2.00 -4.79
C ASN A 78 23.50 3.19 -5.03
N GLN A 79 22.20 2.98 -4.86
CA GLN A 79 21.21 4.02 -5.16
C GLN A 79 21.37 5.25 -4.27
N LEU A 80 21.84 5.06 -3.02
CA LEU A 80 22.00 6.19 -2.11
C LEU A 80 22.84 7.29 -2.75
N ASP A 81 23.88 6.90 -3.49
CA ASP A 81 24.75 7.88 -4.15
C ASP A 81 24.05 8.57 -5.32
N ASN A 82 23.42 7.79 -6.21
CA ASN A 82 23.11 8.30 -7.54
C ASN A 82 21.67 8.80 -7.71
N CYS A 83 20.75 8.36 -6.85
CA CYS A 83 19.35 8.76 -6.99
C CYS A 83 19.18 10.25 -6.73
N SER A 84 18.11 10.81 -7.31
CA SER A 84 17.83 12.22 -7.12
C SER A 84 17.31 12.50 -5.72
N HIS A 85 16.19 11.85 -5.37
CA HIS A 85 15.51 12.07 -4.09
C HIS A 85 15.32 10.74 -3.36
N LEU A 86 15.35 10.82 -2.04
CA LEU A 86 15.13 9.67 -1.17
C LEU A 86 14.04 9.99 -0.16
N VAL A 87 13.08 9.09 -0.02
CA VAL A 87 11.98 9.28 0.92
C VAL A 87 12.00 8.12 1.90
N VAL A 88 12.10 8.44 3.19
CA VAL A 88 11.83 7.49 4.25
C VAL A 88 10.45 7.82 4.78
N ILE A 89 9.50 6.89 4.60
CA ILE A 89 8.15 7.07 5.11
C ILE A 89 8.11 6.52 6.52
N LEU A 90 7.60 7.31 7.45
CA LEU A 90 7.35 6.92 8.84
C LEU A 90 5.89 6.56 9.00
N ALA A 91 5.61 5.62 9.91
CA ALA A 91 4.24 5.34 10.33
C ALA A 91 4.05 5.69 11.80
N LYS A 92 2.83 6.10 12.15
CA LYS A 92 2.52 6.49 13.53
C LYS A 92 2.52 5.28 14.46
N LYS A 93 3.21 5.37 15.60
CA LYS A 93 3.18 4.33 16.62
C LYS A 93 2.01 4.59 17.55
N ASN A 94 1.37 3.52 18.03
CA ASN A 94 0.38 3.63 19.09
C ASN A 94 -0.77 4.57 18.72
N ALA A 95 -1.30 4.39 17.52
CA ALA A 95 -2.43 5.19 17.06
C ALA A 95 -3.73 4.55 17.55
N ARG A 96 -3.83 4.49 18.87
CA ARG A 96 -5.02 3.96 19.54
C ARG A 96 -6.23 4.87 19.34
N TYR A 97 -7.43 4.27 19.32
CA TYR A 97 -8.66 5.05 19.16
C TYR A 97 -8.80 6.16 20.19
N ASP A 98 -8.27 5.97 21.41
CA ASP A 98 -8.43 6.93 22.49
C ASP A 98 -7.24 7.88 22.65
N SER A 99 -6.33 7.95 21.65
CA SER A 99 -5.10 8.73 21.69
C SER A 99 -5.34 10.16 21.21
N PRO A 100 -4.47 11.09 21.61
CA PRO A 100 -4.47 12.43 20.98
C PRO A 100 -4.39 12.40 19.47
N PHE A 101 -3.70 11.42 18.92
CA PHE A 101 -3.63 11.29 17.48
C PHE A 101 -5.04 11.24 16.87
N PHE A 102 -5.95 10.51 17.49
CA PHE A 102 -7.29 10.39 16.94
C PHE A 102 -8.18 11.56 17.29
N VAL A 103 -7.78 12.40 18.23
CA VAL A 103 -8.46 13.68 18.41
C VAL A 103 -8.33 14.51 17.16
N ASP A 104 -7.12 14.56 16.57
CA ASP A 104 -6.92 15.33 15.35
C ASP A 104 -7.67 14.71 14.17
N VAL A 105 -7.61 13.38 14.03
CA VAL A 105 -8.34 12.71 12.96
C VAL A 105 -9.80 13.17 12.90
N MSE A 106 -10.46 13.25 14.06
CA MSE A 106 -11.87 13.60 14.15
C MSE A 106 -12.13 15.05 13.86
O MSE A 106 -13.19 15.41 13.33
CB MSE A 106 -12.45 13.25 15.54
CG MSE A 106 -12.45 11.73 15.84
SE MSE A 106 -13.51 11.29 17.38
CE MSE A 106 -12.43 12.10 18.79
N ALA A 107 -11.17 15.91 14.22
CA ALA A 107 -11.35 17.33 13.93
C ALA A 107 -11.23 17.60 12.43
N ARG A 108 -10.35 16.89 11.74
CA ARG A 108 -10.30 17.08 10.29
C ARG A 108 -11.61 16.67 9.61
N LYS A 109 -12.42 15.78 10.21
CA LYS A 109 -13.72 15.43 9.65
C LYS A 109 -14.84 16.35 10.12
N GLY A 110 -14.54 17.34 10.96
CA GLY A 110 -15.55 18.27 11.40
C GLY A 110 -16.68 17.63 12.19
N LEU A 111 -16.37 16.60 12.98
CA LEU A 111 -17.37 15.92 13.79
C LEU A 111 -17.74 16.77 15.01
N ASN A 112 -19.02 16.78 15.36
CA ASN A 112 -19.45 17.44 16.58
C ASN A 112 -19.42 16.42 17.73
N ALA A 113 -19.86 16.86 18.91
CA ALA A 113 -19.67 16.06 20.13
C ALA A 113 -20.35 14.70 20.03
N GLU A 114 -21.62 14.69 19.61
CA GLU A 114 -22.31 13.42 19.43
C GLU A 114 -21.63 12.58 18.37
N GLN A 115 -21.20 13.22 17.26
CA GLN A 115 -20.56 12.45 16.20
C GLN A 115 -19.24 11.86 16.66
N GLN A 116 -18.55 12.54 17.57
CA GLN A 116 -17.24 12.07 18.03
C GLN A 116 -17.40 10.82 18.90
N GLN A 117 -18.40 10.81 19.77
CA GLN A 117 -18.61 9.64 20.64
C GLN A 117 -18.95 8.41 19.82
N ALA A 118 -19.79 8.56 18.80
CA ALA A 118 -20.12 7.43 17.94
C ALA A 118 -18.88 6.94 17.21
N ALA A 119 -18.15 7.87 16.58
CA ALA A 119 -16.92 7.51 15.91
C ALA A 119 -15.94 6.80 16.84
N LEU A 120 -15.80 7.29 18.07
CA LEU A 120 -14.88 6.64 19.02
C LEU A 120 -15.29 5.19 19.27
N THR A 121 -16.59 4.90 19.39
CA THR A 121 -16.98 3.50 19.60
C THR A 121 -16.76 2.68 18.33
N LYS A 122 -16.84 3.31 17.15
CA LYS A 122 -16.57 2.62 15.89
C LYS A 122 -15.08 2.29 15.76
N TYR A 123 -14.22 3.26 16.06
CA TYR A 123 -12.80 3.00 16.04
C TYR A 123 -12.42 1.91 17.01
N LYS A 124 -12.99 1.95 18.22
CA LYS A 124 -12.69 0.98 19.27
C LYS A 124 -13.06 -0.42 18.81
N ALA A 125 -14.29 -0.58 18.30
CA ALA A 125 -14.71 -1.84 17.71
C ALA A 125 -13.75 -2.30 16.63
N LEU A 126 -13.49 -1.44 15.64
CA LEU A 126 -12.55 -1.79 14.58
C LEU A 126 -11.22 -2.28 15.14
N GLN A 127 -10.63 -1.50 16.04
CA GLN A 127 -9.28 -1.84 16.51
C GLN A 127 -9.29 -3.02 17.48
N GLU A 128 -10.19 -2.98 18.45
CA GLU A 128 -10.18 -3.98 19.52
C GLU A 128 -10.70 -5.33 19.02
N GLU A 129 -11.77 -5.33 18.23
CA GLU A 129 -12.49 -6.58 17.97
C GLU A 129 -12.43 -7.01 16.52
N ASP A 130 -12.72 -6.13 15.57
CA ASP A 130 -12.80 -6.55 14.17
C ASP A 130 -11.42 -6.89 13.62
N MSE A 131 -10.43 -6.04 13.91
CA MSE A 131 -9.09 -6.25 13.39
C MSE A 131 -8.10 -6.70 14.46
O MSE A 131 -6.98 -7.06 14.13
CB MSE A 131 -8.58 -4.98 12.69
CG MSE A 131 -9.48 -4.42 11.54
SE MSE A 131 -8.60 -3.01 10.58
CE MSE A 131 -7.23 -4.00 9.64
N LYS A 132 -8.48 -6.67 15.74
CA LYS A 132 -7.64 -7.20 16.82
C LYS A 132 -6.23 -6.61 16.77
N LEU A 133 -6.18 -5.28 16.73
CA LEU A 133 -4.92 -4.54 16.60
C LEU A 133 -4.29 -4.18 17.93
N LEU A 134 -5.01 -4.35 19.03
CA LEU A 134 -4.59 -3.82 20.32
C LEU A 134 -3.96 -4.89 21.19
N GLU A 135 -3.60 -6.04 20.60
CA GLU A 135 -2.91 -7.08 21.35
C GLU A 135 -1.55 -6.60 21.83
N ASN A 136 -0.86 -5.81 21.01
CA ASN A 136 0.43 -5.28 21.41
C ASN A 136 0.79 -4.11 20.49
N ASP A 137 1.92 -3.48 20.82
CA ASP A 137 2.33 -2.27 20.13
C ASP A 137 2.64 -2.54 18.66
N ARG A 138 3.27 -3.68 18.37
CA ARG A 138 3.70 -3.91 16.98
C ARG A 138 2.52 -4.17 16.05
N THR A 139 1.47 -4.86 16.51
CA THR A 139 0.35 -5.10 15.60
C THR A 139 -0.34 -3.78 15.24
N LEU A 140 -0.38 -2.86 16.19
CA LEU A 140 -1.01 -1.57 15.96
C LEU A 140 -0.13 -0.67 15.12
N PHE A 141 1.19 -0.69 15.33
CA PHE A 141 2.07 0.02 14.42
C PHE A 141 1.96 -0.53 13.00
N ASP A 142 1.95 -1.86 12.85
CA ASP A 142 1.89 -2.44 11.52
C ASP A 142 0.62 -2.04 10.75
N TRP A 143 -0.50 -1.82 11.44
CA TRP A 143 -1.70 -1.35 10.78
C TRP A 143 -1.49 0.03 10.16
N CYS A 144 -0.94 0.98 10.92
CA CYS A 144 -0.58 2.26 10.32
C CYS A 144 0.41 2.06 9.20
N SER A 145 1.38 1.15 9.38
CA SER A 145 2.38 0.90 8.35
C SER A 145 1.73 0.50 7.02
N LYS A 146 0.69 -0.33 7.09
CA LYS A 146 -0.03 -0.76 5.91
C LYS A 146 -0.60 0.43 5.16
N GLN A 147 -1.22 1.36 5.88
CA GLN A 147 -1.72 2.57 5.22
C GLN A 147 -0.61 3.33 4.52
N THR A 148 0.61 3.37 5.09
CA THR A 148 1.71 4.08 4.42
C THR A 148 2.15 3.40 3.15
N TYR A 149 1.88 2.09 3.03
CA TYR A 149 2.22 1.45 1.76
C TYR A 149 1.30 1.92 0.65
N ILE A 150 0.14 2.49 1.00
CA ILE A 150 -0.72 3.08 -0.02
C ILE A 150 -0.08 4.36 -0.55
N ALA A 151 0.40 5.21 0.36
CA ALA A 151 1.11 6.41 -0.08
C ALA A 151 2.35 6.02 -0.87
N LEU A 152 3.02 4.94 -0.46
CA LEU A 152 4.16 4.43 -1.21
C LEU A 152 3.77 4.12 -2.65
N ALA A 153 2.75 3.28 -2.82
CA ALA A 153 2.34 2.88 -4.16
C ALA A 153 2.01 4.09 -5.02
N ASN A 154 1.21 5.02 -4.48
CA ASN A 154 0.73 6.12 -5.29
C ASN A 154 1.85 7.07 -5.67
N MSE A 155 2.86 7.19 -4.82
CA MSE A 155 3.99 8.00 -5.17
C MSE A 155 4.77 7.35 -6.31
O MSE A 155 5.24 8.03 -7.21
CB MSE A 155 4.87 8.26 -3.95
CG MSE A 155 4.28 9.34 -3.03
SE MSE A 155 5.42 9.83 -1.50
CE MSE A 155 5.20 8.18 -0.50
N LEU A 156 4.91 6.02 -6.28
CA LEU A 156 5.55 5.37 -7.42
C LEU A 156 4.75 5.61 -8.69
N THR A 157 3.43 5.45 -8.62
CA THR A 157 2.62 5.55 -9.82
C THR A 157 2.61 6.98 -10.34
N GLY A 158 2.40 7.94 -9.43
CA GLY A 158 2.50 9.34 -9.82
C GLY A 158 3.85 9.68 -10.41
N ALA A 159 4.93 9.21 -9.79
CA ALA A 159 6.26 9.41 -10.37
C ALA A 159 6.33 8.85 -11.78
N SER A 160 5.95 7.58 -11.94
CA SER A 160 5.91 6.97 -13.26
C SER A 160 5.17 7.84 -14.25
N ALA A 161 4.01 8.37 -13.87
CA ALA A 161 3.21 9.14 -14.80
C ALA A 161 3.94 10.41 -15.25
N LEU A 162 4.79 10.97 -14.40
CA LEU A 162 5.55 12.17 -14.77
C LEU A 162 6.81 11.86 -15.55
N GLY A 163 7.05 10.59 -15.90
CA GLY A 163 8.29 10.25 -16.56
C GLY A 163 9.46 10.07 -15.64
N ILE A 164 9.22 9.83 -14.35
CA ILE A 164 10.24 9.81 -13.31
C ILE A 164 10.33 8.40 -12.73
N ASP A 165 11.55 7.87 -12.63
CA ASP A 165 11.74 6.50 -12.19
C ASP A 165 11.85 6.42 -10.66
N SER A 166 11.54 5.23 -10.12
CA SER A 166 11.44 5.03 -8.68
C SER A 166 12.00 3.66 -8.30
N CYS A 167 12.22 3.47 -6.98
CA CYS A 167 12.46 2.14 -6.42
C CYS A 167 12.01 2.07 -4.96
N PRO A 168 11.03 1.23 -4.65
CA PRO A 168 10.65 1.03 -3.24
C PRO A 168 11.68 0.19 -2.51
N ILE A 169 11.90 0.50 -1.25
CA ILE A 169 13.06 -0.01 -0.53
C ILE A 169 12.62 -0.51 0.85
N GLU A 170 12.78 -1.81 1.08
CA GLU A 170 12.76 -2.41 2.41
C GLU A 170 14.13 -2.92 2.84
N GLY A 171 15.12 -2.86 1.94
CA GLY A 171 16.41 -3.51 2.15
C GLY A 171 17.35 -2.75 3.04
N PHE A 172 16.97 -2.58 4.31
CA PHE A 172 17.87 -1.94 5.26
C PHE A 172 17.53 -2.49 6.64
N HIS A 173 18.46 -2.32 7.57
CA HIS A 173 18.26 -2.73 8.96
C HIS A 173 17.35 -1.70 9.61
N TYR A 174 16.14 -2.11 9.98
CA TYR A 174 15.18 -1.14 10.48
C TYR A 174 15.63 -0.54 11.80
N ASP A 175 16.06 -1.38 12.76
CA ASP A 175 16.55 -0.87 14.04
C ASP A 175 17.66 0.15 13.85
N LYS A 176 18.65 -0.17 13.02
CA LYS A 176 19.75 0.78 12.83
C LYS A 176 19.25 2.06 12.20
N MSE A 177 18.28 1.95 11.29
N MSE A 177 18.31 1.94 11.27
CA MSE A 177 17.74 3.14 10.62
CA MSE A 177 17.69 3.08 10.61
C MSE A 177 16.86 3.99 11.54
C MSE A 177 16.89 3.97 11.57
O MSE A 177 17.00 5.21 11.55
O MSE A 177 17.09 5.19 11.61
CB MSE A 177 16.93 2.73 9.38
CB MSE A 177 16.79 2.59 9.48
CG MSE A 177 16.61 3.90 8.44
CG MSE A 177 16.12 3.71 8.70
SE MSE A 177 18.15 4.67 7.54
SE MSE A 177 17.36 4.67 7.55
CE MSE A 177 17.42 4.75 5.74
CE MSE A 177 17.73 3.28 6.21
N ASN A 178 15.95 3.36 12.30
CA ASN A 178 15.21 4.11 13.32
C ASN A 178 16.18 4.83 14.23
N GLU A 179 17.20 4.12 14.68
CA GLU A 179 18.15 4.72 15.60
C GLU A 179 18.85 5.90 14.95
N CYS A 180 19.34 5.69 13.73
CA CYS A 180 20.10 6.72 13.03
C CYS A 180 19.28 7.98 12.82
N LEU A 181 18.07 7.84 12.29
CA LEU A 181 17.25 8.99 11.99
C LEU A 181 16.77 9.70 13.25
N ALA A 182 16.50 8.94 14.32
CA ALA A 182 16.06 9.54 15.59
C ALA A 182 17.20 10.28 16.28
N GLU A 183 18.42 9.76 16.18
CA GLU A 183 19.55 10.46 16.78
C GLU A 183 19.86 11.75 16.03
N GLU A 184 19.57 11.80 14.73
CA GLU A 184 19.72 13.00 13.94
C GLU A 184 18.56 13.98 14.14
N GLY A 185 17.67 13.75 15.10
CA GLY A 185 16.60 14.69 15.43
C GLY A 185 15.49 14.79 14.39
N LEU A 186 15.26 13.74 13.61
CA LEU A 186 14.32 13.85 12.50
C LEU A 186 12.91 13.41 12.86
N PHE A 187 12.72 12.75 14.00
CA PHE A 187 11.38 12.44 14.48
C PHE A 187 11.48 11.95 15.91
N ASP A 188 10.34 11.91 16.60
CA ASP A 188 10.19 11.42 17.97
C ASP A 188 10.03 9.91 17.93
N PRO A 189 11.01 9.14 18.38
CA PRO A 189 10.92 7.67 18.23
C PRO A 189 9.84 7.05 19.10
N GLN A 190 9.31 7.77 20.09
CA GLN A 190 8.12 7.27 20.76
C GLN A 190 6.84 7.50 19.96
N GLU A 191 6.85 8.40 18.96
CA GLU A 191 5.64 8.74 18.22
C GLU A 191 5.57 8.15 16.83
N TYR A 192 6.72 7.82 16.24
CA TYR A 192 6.80 7.33 14.88
C TYR A 192 7.96 6.34 14.78
N ALA A 193 7.86 5.44 13.81
CA ALA A 193 9.03 4.65 13.42
C ALA A 193 9.06 4.49 11.91
N VAL A 194 10.25 4.13 11.39
CA VAL A 194 10.42 3.94 9.96
C VAL A 194 9.51 2.82 9.45
N SER A 195 8.85 3.07 8.32
CA SER A 195 7.96 2.08 7.74
C SER A 195 8.50 1.51 6.44
N VAL A 196 8.80 2.35 5.47
CA VAL A 196 9.34 1.92 4.17
C VAL A 196 10.00 3.12 3.50
N ALA A 197 10.81 2.87 2.47
CA ALA A 197 11.52 3.93 1.77
C ALA A 197 11.31 3.79 0.27
N ALA A 198 11.84 4.77 -0.45
CA ALA A 198 11.64 4.87 -1.88
C ALA A 198 12.66 5.85 -2.42
N THR A 199 13.36 5.44 -3.47
CA THR A 199 14.25 6.32 -4.20
C THR A 199 13.57 6.81 -5.48
N PHE A 200 13.95 8.02 -5.90
CA PHE A 200 13.38 8.63 -7.09
C PHE A 200 14.48 9.26 -7.93
N GLY A 201 14.28 9.25 -9.26
CA GLY A 201 15.21 9.85 -10.17
C GLY A 201 15.04 9.37 -11.60
N TYR A 202 16.15 9.18 -12.30
CA TYR A 202 16.08 8.71 -13.68
C TYR A 202 17.07 7.56 -13.86
N ARG A 203 16.64 6.54 -14.59
CA ARG A 203 17.40 5.30 -14.68
C ARG A 203 18.61 5.47 -15.59
N SER A 204 19.60 4.58 -15.41
CA SER A 204 20.84 4.57 -16.18
C SER A 204 21.08 3.30 -16.97
N ARG A 205 20.36 2.22 -16.68
CA ARG A 205 20.31 1.02 -17.49
C ARG A 205 18.91 0.90 -18.09
N ASP A 206 18.75 -0.06 -19.00
CA ASP A 206 17.46 -0.26 -19.65
C ASP A 206 16.41 -0.79 -18.66
N ILE A 207 15.15 -0.46 -18.92
CA ILE A 207 14.06 -1.00 -18.13
C ILE A 207 14.02 -2.51 -18.33
N ALA A 208 13.79 -3.23 -17.25
CA ALA A 208 13.77 -4.69 -17.29
C ALA A 208 12.35 -5.20 -17.50
N LYS A 209 12.26 -6.45 -17.97
CA LYS A 209 10.97 -7.07 -18.20
C LYS A 209 10.33 -7.48 -16.88
N LYS A 210 8.99 -7.56 -16.89
CA LYS A 210 8.23 -7.84 -15.69
C LYS A 210 8.04 -9.34 -15.53
N SER A 211 8.42 -9.85 -14.37
CA SER A 211 8.12 -11.23 -14.02
C SER A 211 7.02 -11.21 -12.98
N ARG A 212 5.78 -11.47 -13.42
CA ARG A 212 4.65 -11.60 -12.51
C ARG A 212 3.98 -12.95 -12.67
N LYS A 213 3.29 -13.38 -11.63
CA LYS A 213 2.44 -14.56 -11.74
C LYS A 213 1.32 -14.30 -12.74
N GLY A 214 0.77 -15.39 -13.27
CA GLY A 214 -0.31 -15.26 -14.22
C GLY A 214 -1.57 -14.72 -13.58
N LEU A 215 -2.40 -14.07 -14.39
CA LEU A 215 -3.66 -13.55 -13.87
C LEU A 215 -4.58 -14.68 -13.41
N ASP A 216 -4.51 -15.83 -14.10
CA ASP A 216 -5.29 -17.00 -13.71
C ASP A 216 -4.85 -17.59 -12.38
N GLU A 217 -3.57 -17.39 -12.00
CA GLU A 217 -3.10 -17.88 -10.70
C GLU A 217 -3.49 -16.95 -9.56
N VAL A 218 -3.53 -15.64 -9.80
CA VAL A 218 -3.72 -14.69 -8.71
C VAL A 218 -5.18 -14.28 -8.50
N VAL A 219 -6.04 -14.46 -9.51
CA VAL A 219 -7.45 -14.08 -9.42
C VAL A 219 -8.27 -15.36 -9.22
N LYS A 220 -9.18 -15.34 -8.24
CA LYS A 220 -10.21 -16.37 -8.10
C LYS A 220 -11.59 -15.72 -8.20
N TRP A 221 -12.40 -16.18 -9.15
CA TRP A 221 -13.69 -15.57 -9.43
C TRP A 221 -14.81 -16.33 -8.73
N VAL A 222 -15.67 -15.60 -8.02
CA VAL A 222 -16.79 -16.18 -7.26
C VAL A 222 -18.07 -15.55 -7.80
N GLY A 223 -18.69 -16.20 -8.78
CA GLY A 223 -19.86 -15.62 -9.44
C GLY A 223 -21.16 -16.30 -9.07
N GLN B 6 2.07 9.04 -20.16
CA GLN B 6 2.55 10.32 -19.62
C GLN B 6 1.39 11.25 -19.25
N LEU B 7 1.54 12.00 -18.16
CA LEU B 7 0.57 12.98 -17.71
C LEU B 7 1.30 14.23 -17.24
N THR B 8 0.59 15.36 -17.28
CA THR B 8 1.14 16.59 -16.73
C THR B 8 1.09 16.56 -15.20
N ARG B 9 1.61 17.61 -14.58
N ARG B 9 1.64 17.60 -14.59
CA ARG B 9 1.52 17.68 -13.13
CA ARG B 9 1.51 17.70 -13.13
C ARG B 9 0.09 17.97 -12.69
C ARG B 9 0.07 17.93 -12.72
N GLU B 10 -0.64 18.79 -13.45
CA GLU B 10 -2.01 19.13 -13.07
C GLU B 10 -2.92 17.93 -13.20
N GLN B 11 -2.71 17.11 -14.22
CA GLN B 11 -3.51 15.91 -14.42
C GLN B 11 -3.21 14.88 -13.34
N VAL B 12 -1.93 14.68 -13.04
CA VAL B 12 -1.55 13.76 -11.97
C VAL B 12 -2.24 14.15 -10.68
N LEU B 13 -2.19 15.44 -10.33
CA LEU B 13 -2.92 15.93 -9.17
C LEU B 13 -4.41 15.60 -9.27
N GLU B 14 -5.05 16.01 -10.37
CA GLU B 14 -6.49 15.85 -10.48
C GLU B 14 -6.90 14.40 -10.42
N LEU B 15 -6.01 13.49 -10.85
CA LEU B 15 -6.29 12.06 -10.74
C LEU B 15 -6.40 11.62 -9.28
N PHE B 16 -5.55 12.16 -8.40
CA PHE B 16 -5.66 11.76 -7.01
C PHE B 16 -6.69 12.59 -6.24
N HIS B 17 -7.07 13.77 -6.76
CA HIS B 17 -8.19 14.48 -6.16
C HIS B 17 -9.51 13.84 -6.54
N GLN B 18 -9.62 13.32 -7.78
CA GLN B 18 -10.90 12.79 -8.21
C GLN B 18 -11.23 11.47 -7.53
N ARG B 19 -10.23 10.65 -7.19
CA ARG B 19 -10.51 9.38 -6.55
C ARG B 19 -10.94 9.62 -5.12
N SER B 20 -12.14 9.20 -4.77
N SER B 20 -12.16 9.21 -4.78
CA SER B 20 -12.57 9.24 -3.40
CA SER B 20 -12.66 9.28 -3.41
C SER B 20 -13.16 7.88 -3.02
C SER B 20 -13.35 7.99 -3.04
N SER B 21 -13.42 7.71 -1.74
CA SER B 21 -14.10 6.51 -1.26
C SER B 21 -15.59 6.63 -1.50
N THR B 22 -16.15 5.73 -2.29
CA THR B 22 -17.55 5.78 -2.70
C THR B 22 -18.36 4.91 -1.75
N ARG B 23 -19.33 5.51 -1.05
CA ARG B 23 -20.20 4.74 -0.17
C ARG B 23 -21.56 4.45 -0.78
N TYR B 24 -21.87 5.01 -1.94
CA TYR B 24 -23.17 4.84 -2.58
C TYR B 24 -22.94 4.58 -4.06
N TYR B 25 -23.15 3.33 -4.46
CA TYR B 25 -23.07 2.95 -5.86
C TYR B 25 -24.43 2.98 -6.54
N ASP B 26 -24.42 3.31 -7.82
CA ASP B 26 -25.61 3.15 -8.65
C ASP B 26 -25.79 1.66 -8.96
N PRO B 27 -26.83 1.01 -8.45
CA PRO B 27 -27.01 -0.43 -8.74
C PRO B 27 -27.42 -0.73 -10.17
N THR B 28 -27.68 0.28 -11.00
CA THR B 28 -28.07 0.06 -12.39
C THR B 28 -26.87 0.13 -13.32
N LYS B 29 -25.68 0.20 -12.78
CA LYS B 29 -24.46 0.35 -13.58
C LYS B 29 -23.48 -0.73 -13.20
N LYS B 30 -22.99 -1.48 -14.18
CA LYS B 30 -22.00 -2.52 -13.96
C LYS B 30 -20.75 -2.27 -14.78
N ILE B 31 -19.60 -2.55 -14.18
CA ILE B 31 -18.31 -2.47 -14.84
C ILE B 31 -18.22 -3.56 -15.89
N SER B 32 -17.78 -3.20 -17.10
CA SER B 32 -17.56 -4.21 -18.13
C SER B 32 -16.48 -5.20 -17.71
N ASP B 33 -16.56 -6.42 -18.23
CA ASP B 33 -15.51 -7.40 -17.98
C ASP B 33 -14.14 -6.86 -18.37
N GLU B 34 -14.06 -6.18 -19.51
CA GLU B 34 -12.79 -5.60 -19.96
C GLU B 34 -12.26 -4.61 -18.94
N ASP B 35 -13.09 -3.68 -18.52
CA ASP B 35 -12.66 -2.66 -17.58
C ASP B 35 -12.24 -3.29 -16.27
N PHE B 36 -12.93 -4.35 -15.85
CA PHE B 36 -12.55 -4.88 -14.56
C PHE B 36 -11.26 -5.69 -14.64
N GLU B 37 -11.05 -6.42 -15.74
CA GLU B 37 -9.77 -7.13 -15.88
C GLU B 37 -8.59 -6.17 -15.84
N CYS B 38 -8.75 -4.99 -16.43
CA CYS B 38 -7.70 -3.97 -16.39
C CYS B 38 -7.44 -3.51 -14.97
N ILE B 39 -8.50 -3.33 -14.17
CA ILE B 39 -8.32 -2.99 -12.77
C ILE B 39 -7.55 -4.09 -12.06
N LEU B 40 -7.88 -5.35 -12.34
CA LEU B 40 -7.15 -6.46 -11.74
C LEU B 40 -5.70 -6.49 -12.22
N GLU B 41 -5.48 -6.19 -13.50
CA GLU B 41 -4.11 -6.10 -13.97
C GLU B 41 -3.31 -5.06 -13.20
N CYS B 42 -3.94 -3.97 -12.75
CA CYS B 42 -3.19 -2.99 -11.98
C CYS B 42 -2.70 -3.58 -10.67
N GLY B 43 -3.44 -4.53 -10.10
CA GLY B 43 -2.98 -5.17 -8.87
C GLY B 43 -1.85 -6.15 -9.16
N ARG B 44 -2.03 -6.97 -10.19
CA ARG B 44 -1.06 -8.03 -10.46
C ARG B 44 0.28 -7.46 -10.89
N LEU B 45 0.25 -6.33 -11.61
CA LEU B 45 1.45 -5.62 -12.04
C LEU B 45 2.13 -4.84 -10.92
N SER B 46 1.53 -4.80 -9.73
CA SER B 46 2.07 -4.01 -8.63
C SER B 46 3.42 -4.56 -8.19
N PRO B 47 4.28 -3.71 -7.65
CA PRO B 47 5.58 -4.17 -7.15
C PRO B 47 5.41 -4.78 -5.76
N SER B 48 6.41 -5.57 -5.36
CA SER B 48 6.33 -6.21 -4.05
C SER B 48 7.73 -6.54 -3.56
N SER B 49 7.94 -6.46 -2.25
CA SER B 49 9.22 -6.81 -1.65
C SER B 49 9.68 -8.15 -2.20
N VAL B 50 10.95 -8.18 -2.63
CA VAL B 50 11.65 -9.36 -3.18
C VAL B 50 10.79 -10.14 -4.17
N GLY B 51 9.97 -9.44 -4.95
CA GLY B 51 9.17 -10.10 -5.98
C GLY B 51 8.23 -11.15 -5.41
N SER B 52 7.75 -10.93 -4.19
CA SER B 52 7.01 -11.98 -3.49
C SER B 52 5.57 -12.08 -3.97
N GLU B 53 4.99 -10.97 -4.48
CA GLU B 53 3.61 -10.92 -5.00
C GLU B 53 2.65 -11.71 -4.11
N PRO B 54 2.62 -11.44 -2.79
CA PRO B 54 1.98 -12.39 -1.86
C PRO B 54 0.49 -12.23 -1.78
N TRP B 55 -0.16 -11.94 -2.90
CA TRP B 55 -1.57 -11.57 -2.92
C TRP B 55 -2.37 -12.58 -3.74
N LYS B 56 -3.67 -12.59 -3.47
CA LYS B 56 -4.67 -13.33 -4.22
C LYS B 56 -5.94 -12.50 -4.18
N PHE B 57 -6.65 -12.41 -5.32
CA PHE B 57 -7.78 -11.49 -5.47
C PHE B 57 -9.06 -12.30 -5.64
N LEU B 58 -9.88 -12.36 -4.59
CA LEU B 58 -11.19 -12.99 -4.67
C LEU B 58 -12.19 -11.96 -5.15
N VAL B 59 -12.79 -12.20 -6.32
CA VAL B 59 -13.86 -11.34 -6.84
C VAL B 59 -15.20 -11.94 -6.42
N ILE B 60 -15.92 -11.26 -5.53
CA ILE B 60 -17.13 -11.82 -4.92
C ILE B 60 -18.34 -11.19 -5.63
N GLN B 61 -18.80 -11.85 -6.68
CA GLN B 61 -19.97 -11.38 -7.41
C GLN B 61 -21.25 -12.07 -6.96
N ASN B 62 -21.15 -13.29 -6.43
CA ASN B 62 -22.28 -14.08 -5.96
C ASN B 62 -23.14 -13.28 -4.97
N LYS B 63 -24.40 -13.02 -5.34
CA LYS B 63 -25.23 -12.21 -4.47
C LYS B 63 -25.39 -12.87 -3.11
N THR B 64 -25.64 -14.18 -3.10
CA THR B 64 -25.86 -14.89 -1.84
C THR B 64 -24.67 -14.75 -0.90
N LEU B 65 -23.45 -14.88 -1.41
CA LEU B 65 -22.29 -14.75 -0.55
C LEU B 65 -22.14 -13.32 -0.05
N ARG B 66 -22.39 -12.34 -0.91
CA ARG B 66 -22.39 -10.94 -0.47
C ARG B 66 -23.37 -10.73 0.67
N GLU B 67 -24.59 -11.27 0.54
CA GLU B 67 -25.57 -11.14 1.60
C GLU B 67 -25.11 -11.84 2.89
N LYS B 68 -24.37 -12.94 2.77
CA LYS B 68 -23.85 -13.60 3.96
C LYS B 68 -22.86 -12.70 4.68
N MSE B 69 -22.18 -11.82 3.98
CA MSE B 69 -21.16 -11.01 4.64
C MSE B 69 -21.73 -9.81 5.36
O MSE B 69 -21.08 -9.29 6.26
CB MSE B 69 -20.12 -10.53 3.64
CG MSE B 69 -19.39 -11.65 2.95
SE MSE B 69 -18.36 -10.88 1.46
CE MSE B 69 -17.67 -12.56 0.77
N LYS B 70 -22.93 -9.37 4.95
CA LYS B 70 -23.50 -8.14 5.51
C LYS B 70 -23.44 -8.07 7.02
N PRO B 71 -23.91 -9.07 7.78
CA PRO B 71 -24.00 -8.87 9.23
C PRO B 71 -22.67 -8.59 9.93
N PHE B 72 -21.52 -8.93 9.33
CA PHE B 72 -20.25 -8.64 9.97
C PHE B 72 -19.38 -7.66 9.18
N SER B 73 -19.97 -6.91 8.24
CA SER B 73 -19.20 -6.06 7.34
C SER B 73 -19.76 -4.65 7.37
N TRP B 74 -19.78 -4.07 8.56
CA TRP B 74 -20.45 -2.79 8.76
C TRP B 74 -19.82 -1.69 7.92
N GLY B 75 -18.53 -1.81 7.59
CA GLY B 75 -17.87 -0.83 6.75
C GLY B 75 -18.41 -0.74 5.33
N MSE B 76 -19.05 -1.80 4.82
CA MSE B 76 -19.53 -1.77 3.44
C MSE B 76 -20.94 -2.32 3.31
O MSE B 76 -21.33 -2.87 2.27
CB MSE B 76 -18.58 -2.57 2.51
CG MSE B 76 -18.43 -4.04 2.87
SE MSE B 76 -17.32 -5.06 1.65
CE MSE B 76 -17.04 -6.63 2.72
N ILE B 77 -21.73 -2.19 4.38
CA ILE B 77 -22.98 -2.95 4.47
C ILE B 77 -23.94 -2.51 3.37
N ASN B 78 -23.91 -1.22 3.01
CA ASN B 78 -24.75 -0.77 1.91
C ASN B 78 -24.11 -1.05 0.56
N GLN B 79 -22.79 -0.95 0.49
CA GLN B 79 -22.06 -1.19 -0.74
C GLN B 79 -22.18 -2.64 -1.22
N LEU B 80 -22.26 -3.58 -0.28
CA LEU B 80 -22.44 -4.99 -0.62
C LEU B 80 -23.57 -5.17 -1.62
N ASP B 81 -24.69 -4.49 -1.37
CA ASP B 81 -25.84 -4.66 -2.23
C ASP B 81 -25.63 -4.02 -3.60
N ASN B 82 -25.04 -2.82 -3.65
CA ASN B 82 -25.19 -1.99 -4.84
C ASN B 82 -23.93 -1.83 -5.69
N CYS B 83 -22.79 -2.33 -5.25
CA CYS B 83 -21.57 -2.14 -6.03
C CYS B 83 -21.49 -3.13 -7.19
N SER B 84 -20.80 -2.70 -8.26
CA SER B 84 -20.59 -3.58 -9.42
C SER B 84 -19.79 -4.82 -9.03
N HIS B 85 -18.60 -4.60 -8.44
CA HIS B 85 -17.65 -5.67 -8.15
C HIS B 85 -17.09 -5.50 -6.75
N LEU B 86 -16.76 -6.61 -6.12
CA LEU B 86 -16.11 -6.63 -4.81
C LEU B 86 -14.88 -7.52 -4.92
N VAL B 87 -13.74 -7.02 -4.43
CA VAL B 87 -12.49 -7.77 -4.38
C VAL B 87 -12.06 -7.88 -2.91
N VAL B 88 -11.98 -9.11 -2.39
CA VAL B 88 -11.32 -9.39 -1.11
C VAL B 88 -9.92 -9.87 -1.41
N ILE B 89 -8.91 -9.13 -0.97
CA ILE B 89 -7.52 -9.47 -1.24
C ILE B 89 -7.02 -10.32 -0.09
N LEU B 90 -6.49 -11.50 -0.41
CA LEU B 90 -5.82 -12.31 0.59
C LEU B 90 -4.31 -12.05 0.59
N ALA B 91 -3.70 -12.19 1.77
CA ALA B 91 -2.24 -12.18 1.86
C ALA B 91 -1.72 -13.54 2.32
N LYS B 92 -0.53 -13.89 1.85
CA LYS B 92 0.06 -15.20 2.08
C LYS B 92 0.49 -15.35 3.53
N LYS B 93 0.14 -16.49 4.15
CA LYS B 93 0.61 -16.87 5.48
C LYS B 93 1.91 -17.63 5.40
N ASN B 94 2.74 -17.48 6.44
CA ASN B 94 3.98 -18.25 6.60
C ASN B 94 4.90 -18.12 5.37
N ALA B 95 5.07 -16.89 4.89
CA ALA B 95 5.89 -16.64 3.71
C ALA B 95 7.37 -16.57 4.09
N ARG B 96 7.87 -17.68 4.60
CA ARG B 96 9.26 -17.76 5.07
C ARG B 96 10.23 -17.93 3.92
N TYR B 97 11.44 -17.41 4.11
CA TYR B 97 12.48 -17.49 3.08
C TYR B 97 12.70 -18.92 2.58
N ASP B 98 12.54 -19.92 3.45
CA ASP B 98 12.81 -21.32 3.10
C ASP B 98 11.55 -22.11 2.76
N SER B 99 10.47 -21.46 2.49
CA SER B 99 9.18 -22.08 2.23
C SER B 99 9.04 -22.43 0.75
N PRO B 100 8.23 -23.43 0.43
CA PRO B 100 7.88 -23.67 -0.98
C PRO B 100 7.42 -22.41 -1.69
N PHE B 101 6.75 -21.51 -0.97
CA PHE B 101 6.36 -20.24 -1.54
C PHE B 101 7.56 -19.51 -2.13
N PHE B 102 8.65 -19.38 -1.36
CA PHE B 102 9.81 -18.67 -1.85
C PHE B 102 10.63 -19.50 -2.83
N VAL B 103 10.44 -20.81 -2.87
CA VAL B 103 10.97 -21.60 -3.98
C VAL B 103 10.38 -21.13 -5.30
N ASP B 104 9.07 -20.83 -5.31
CA ASP B 104 8.47 -20.32 -6.54
C ASP B 104 8.99 -18.93 -6.89
N VAL B 105 9.07 -18.04 -5.90
CA VAL B 105 9.61 -16.70 -6.13
C VAL B 105 10.91 -16.79 -6.89
N MSE B 106 11.80 -17.68 -6.46
CA MSE B 106 13.10 -17.81 -7.10
C MSE B 106 12.96 -18.44 -8.48
O MSE B 106 13.69 -18.08 -9.40
CB MSE B 106 14.03 -18.64 -6.23
CG MSE B 106 14.33 -17.95 -4.90
SE MSE B 106 15.68 -18.88 -3.83
CE MSE B 106 14.68 -20.53 -3.53
N ALA B 107 12.03 -19.37 -8.64
CA ALA B 107 11.84 -19.97 -9.96
C ALA B 107 11.37 -18.94 -10.97
N ARG B 108 10.47 -18.03 -10.57
CA ARG B 108 10.02 -16.98 -11.49
C ARG B 108 11.19 -16.06 -11.86
N LYS B 109 12.08 -15.77 -10.90
CA LYS B 109 13.24 -14.94 -11.19
C LYS B 109 14.32 -15.67 -11.97
N GLY B 110 14.14 -16.97 -12.22
CA GLY B 110 15.08 -17.73 -13.04
C GLY B 110 16.50 -17.74 -12.51
N LEU B 111 16.66 -18.00 -11.21
CA LEU B 111 17.97 -18.06 -10.57
C LEU B 111 18.53 -19.49 -10.56
N ASN B 112 19.81 -19.61 -10.89
CA ASN B 112 20.51 -20.89 -10.81
C ASN B 112 20.87 -21.21 -9.35
N ALA B 113 21.58 -22.32 -9.15
CA ALA B 113 21.71 -22.91 -7.81
C ALA B 113 22.53 -22.03 -6.88
N GLU B 114 23.64 -21.47 -7.35
CA GLU B 114 24.43 -20.59 -6.50
C GLU B 114 23.67 -19.30 -6.18
N GLN B 115 23.01 -18.72 -7.19
CA GLN B 115 22.18 -17.53 -6.95
C GLN B 115 21.08 -17.80 -5.94
N GLN B 116 20.54 -19.02 -5.93
CA GLN B 116 19.47 -19.37 -5.00
C GLN B 116 19.98 -19.44 -3.56
N GLN B 117 21.18 -20.00 -3.34
CA GLN B 117 21.74 -19.96 -2.00
C GLN B 117 22.06 -18.53 -1.57
N ALA B 118 22.45 -17.68 -2.52
CA ALA B 118 22.66 -16.26 -2.20
C ALA B 118 21.33 -15.57 -1.91
N ALA B 119 20.37 -15.68 -2.83
CA ALA B 119 19.04 -15.12 -2.61
C ALA B 119 18.48 -15.56 -1.26
N LEU B 120 18.68 -16.82 -0.90
CA LEU B 120 18.14 -17.32 0.37
C LEU B 120 18.80 -16.64 1.57
N THR B 121 20.13 -16.47 1.52
CA THR B 121 20.79 -15.75 2.61
C THR B 121 20.37 -14.29 2.64
N LYS B 122 20.06 -13.70 1.48
CA LYS B 122 19.51 -12.35 1.44
C LYS B 122 18.12 -12.31 2.09
N TYR B 123 17.27 -13.31 1.80
CA TYR B 123 15.93 -13.33 2.38
C TYR B 123 15.98 -13.64 3.87
N LYS B 124 16.91 -14.48 4.29
CA LYS B 124 17.02 -14.84 5.70
C LYS B 124 17.38 -13.63 6.55
N ALA B 125 18.41 -12.88 6.13
CA ALA B 125 18.82 -11.70 6.89
C ALA B 125 17.69 -10.67 6.93
N LEU B 126 17.00 -10.49 5.80
CA LEU B 126 15.90 -9.54 5.77
C LEU B 126 14.79 -9.92 6.75
N GLN B 127 14.34 -11.18 6.73
CA GLN B 127 13.24 -11.56 7.60
C GLN B 127 13.67 -11.64 9.06
N GLU B 128 14.82 -12.27 9.30
CA GLU B 128 15.22 -12.55 10.67
C GLU B 128 15.81 -11.32 11.34
N GLU B 129 16.67 -10.59 10.65
CA GLU B 129 17.43 -9.53 11.30
C GLU B 129 17.05 -8.12 10.85
N ASP B 130 16.99 -7.86 9.55
CA ASP B 130 16.71 -6.49 9.09
C ASP B 130 15.32 -6.03 9.53
N MSE B 131 14.30 -6.85 9.30
CA MSE B 131 12.92 -6.42 9.57
C MSE B 131 12.28 -7.16 10.73
O MSE B 131 11.16 -6.82 11.16
CB MSE B 131 12.03 -6.57 8.32
CG MSE B 131 12.47 -5.73 7.14
SE MSE B 131 11.29 -5.97 5.60
CE MSE B 131 9.81 -4.84 6.03
N LYS B 132 12.97 -8.19 11.21
CA LYS B 132 12.55 -8.94 12.38
C LYS B 132 11.12 -9.42 12.20
N LEU B 133 10.95 -10.17 11.11
CA LEU B 133 9.64 -10.64 10.69
C LEU B 133 9.29 -12.01 11.25
N LEU B 134 10.29 -12.79 11.65
CA LEU B 134 10.04 -14.13 12.18
C LEU B 134 9.79 -14.09 13.69
N GLU B 135 9.45 -12.92 14.23
CA GLU B 135 9.05 -12.81 15.63
C GLU B 135 7.92 -13.79 15.96
N ASN B 136 6.83 -13.74 15.20
CA ASN B 136 5.69 -14.65 15.35
C ASN B 136 4.93 -14.71 14.03
N ASP B 137 3.93 -15.59 13.98
CA ASP B 137 3.16 -15.76 12.75
C ASP B 137 2.57 -14.45 12.26
N ARG B 138 2.15 -13.58 13.18
CA ARG B 138 1.40 -12.42 12.70
C ARG B 138 2.30 -11.38 12.05
N THR B 139 3.51 -11.15 12.58
CA THR B 139 4.38 -10.16 11.96
C THR B 139 4.72 -10.55 10.53
N LEU B 140 5.01 -11.83 10.29
CA LEU B 140 5.32 -12.28 8.94
C LEU B 140 4.12 -12.14 8.03
N PHE B 141 2.92 -12.43 8.55
CA PHE B 141 1.74 -12.24 7.72
C PHE B 141 1.55 -10.77 7.39
N ASP B 142 1.74 -9.88 8.38
CA ASP B 142 1.49 -8.46 8.14
C ASP B 142 2.47 -7.89 7.11
N TRP B 143 3.67 -8.47 7.01
CA TRP B 143 4.61 -8.06 5.99
C TRP B 143 4.05 -8.31 4.60
N CYS B 144 3.55 -9.53 4.35
CA CYS B 144 2.85 -9.79 3.11
C CYS B 144 1.65 -8.87 2.95
N SER B 145 0.91 -8.64 4.04
CA SER B 145 -0.29 -7.82 3.92
C SER B 145 0.07 -6.40 3.50
N LYS B 146 1.16 -5.85 4.03
CA LYS B 146 1.62 -4.55 3.58
C LYS B 146 1.80 -4.53 2.06
N GLN B 147 2.37 -5.61 1.49
CA GLN B 147 2.53 -5.61 0.03
C GLN B 147 1.17 -5.56 -0.68
N THR B 148 0.15 -6.26 -0.14
CA THR B 148 -1.16 -6.24 -0.80
C THR B 148 -1.82 -4.87 -0.72
N TYR B 149 -1.41 -4.01 0.22
CA TYR B 149 -1.93 -2.65 0.22
C TYR B 149 -1.36 -1.86 -0.95
N ILE B 150 -0.26 -2.32 -1.52
CA ILE B 150 0.24 -1.70 -2.74
C ILE B 150 -0.69 -2.04 -3.90
N ALA B 151 -1.04 -3.33 -4.03
CA ALA B 151 -1.99 -3.75 -5.05
C ALA B 151 -3.31 -3.02 -4.90
N LEU B 152 -3.87 -3.02 -3.68
CA LEU B 152 -5.05 -2.22 -3.37
C LEU B 152 -4.96 -0.79 -3.91
N ALA B 153 -3.88 -0.08 -3.57
CA ALA B 153 -3.75 1.32 -3.97
C ALA B 153 -3.76 1.48 -5.48
N ASN B 154 -3.07 0.59 -6.19
CA ASN B 154 -3.00 0.73 -7.63
C ASN B 154 -4.31 0.34 -8.30
N MSE B 155 -5.04 -0.59 -7.71
CA MSE B 155 -6.36 -0.89 -8.22
C MSE B 155 -7.29 0.30 -8.04
O MSE B 155 -8.02 0.64 -8.96
CB MSE B 155 -6.91 -2.14 -7.57
CG MSE B 155 -6.22 -3.38 -8.07
SE MSE B 155 -7.16 -5.00 -7.51
CE MSE B 155 -6.56 -5.11 -5.69
N LEU B 156 -7.26 0.95 -6.89
CA LEU B 156 -8.07 2.15 -6.74
C LEU B 156 -7.67 3.20 -7.78
N THR B 157 -6.36 3.46 -7.90
CA THR B 157 -5.90 4.48 -8.82
C THR B 157 -6.21 4.12 -10.28
N GLY B 158 -5.98 2.86 -10.65
CA GLY B 158 -6.23 2.46 -12.03
C GLY B 158 -7.71 2.54 -12.38
N ALA B 159 -8.58 2.07 -11.49
CA ALA B 159 -10.02 2.20 -11.66
C ALA B 159 -10.41 3.64 -11.90
N SER B 160 -10.00 4.53 -11.01
CA SER B 160 -10.32 5.96 -11.13
C SER B 160 -9.90 6.50 -12.49
N ALA B 161 -8.71 6.09 -12.97
CA ALA B 161 -8.26 6.54 -14.28
C ALA B 161 -9.20 6.06 -15.39
N LEU B 162 -9.75 4.86 -15.24
CA LEU B 162 -10.74 4.37 -16.19
C LEU B 162 -12.11 5.01 -16.01
N GLY B 163 -12.25 5.97 -15.09
CA GLY B 163 -13.56 6.53 -14.81
C GLY B 163 -14.42 5.68 -13.90
N ILE B 164 -13.82 4.80 -13.10
CA ILE B 164 -14.57 3.89 -12.26
C ILE B 164 -14.32 4.23 -10.80
N ASP B 165 -15.39 4.27 -10.02
CA ASP B 165 -15.28 4.61 -8.61
C ASP B 165 -15.04 3.37 -7.77
N SER B 166 -14.52 3.58 -6.56
CA SER B 166 -14.07 2.50 -5.72
C SER B 166 -14.16 2.94 -4.27
N CYS B 167 -13.99 1.97 -3.37
CA CYS B 167 -13.85 2.23 -1.95
C CYS B 167 -13.02 1.12 -1.32
N PRO B 168 -11.86 1.43 -0.73
CA PRO B 168 -11.13 0.43 0.06
C PRO B 168 -11.83 0.16 1.39
N ILE B 169 -11.73 -1.09 1.87
CA ILE B 169 -12.61 -1.54 2.96
C ILE B 169 -11.82 -2.32 3.99
N GLU B 170 -11.81 -1.82 5.23
CA GLU B 170 -11.34 -2.60 6.38
C GLU B 170 -12.47 -2.90 7.36
N GLY B 171 -13.64 -2.29 7.16
CA GLY B 171 -14.73 -2.35 8.12
C GLY B 171 -15.49 -3.65 8.17
N PHE B 172 -14.83 -4.72 8.62
CA PHE B 172 -15.47 -6.03 8.77
C PHE B 172 -14.70 -6.85 9.78
N HIS B 173 -15.38 -7.85 10.35
CA HIS B 173 -14.79 -8.69 11.39
C HIS B 173 -13.88 -9.70 10.71
N TYR B 174 -12.57 -9.57 10.89
CA TYR B 174 -11.62 -10.34 10.09
C TYR B 174 -11.73 -11.83 10.38
N ASP B 175 -11.89 -12.21 11.66
CA ASP B 175 -12.05 -13.62 12.02
C ASP B 175 -13.25 -14.23 11.31
N LYS B 176 -14.38 -13.54 11.31
CA LYS B 176 -15.59 -14.09 10.70
C LYS B 176 -15.49 -14.13 9.17
N MSE B 177 -14.92 -13.09 8.58
CA MSE B 177 -14.73 -13.05 7.13
C MSE B 177 -13.82 -14.19 6.70
O MSE B 177 -14.14 -14.89 5.73
CB MSE B 177 -14.16 -11.69 6.71
CG MSE B 177 -13.84 -11.60 5.23
SE MSE B 177 -15.48 -11.32 4.19
CE MSE B 177 -15.86 -9.43 4.68
N ASN B 178 -12.71 -14.38 7.42
CA ASN B 178 -11.84 -15.52 7.14
C ASN B 178 -12.62 -16.82 7.20
N GLU B 179 -13.39 -17.01 8.26
CA GLU B 179 -14.13 -18.25 8.40
C GLU B 179 -15.18 -18.38 7.31
N CYS B 180 -15.84 -17.27 6.96
CA CYS B 180 -16.89 -17.31 5.96
C CYS B 180 -16.34 -17.74 4.60
N LEU B 181 -15.26 -17.12 4.15
CA LEU B 181 -14.71 -17.45 2.84
C LEU B 181 -14.04 -18.82 2.86
N ALA B 182 -13.37 -19.19 3.96
CA ALA B 182 -12.76 -20.51 4.01
C ALA B 182 -13.80 -21.62 4.02
N GLU B 183 -14.96 -21.38 4.64
CA GLU B 183 -16.01 -22.40 4.67
C GLU B 183 -16.64 -22.60 3.31
N GLU B 184 -16.54 -21.60 2.44
CA GLU B 184 -16.95 -21.69 1.05
C GLU B 184 -15.95 -22.41 0.17
N GLY B 185 -14.85 -22.88 0.75
CA GLY B 185 -13.80 -23.52 -0.03
C GLY B 185 -13.10 -22.59 -0.98
N LEU B 186 -13.05 -21.30 -0.67
CA LEU B 186 -12.49 -20.33 -1.59
C LEU B 186 -11.00 -20.11 -1.41
N PHE B 187 -10.40 -20.61 -0.32
CA PHE B 187 -8.95 -20.62 -0.19
C PHE B 187 -8.56 -21.53 0.97
N ASP B 188 -7.29 -21.91 0.99
CA ASP B 188 -6.75 -22.76 2.04
C ASP B 188 -6.40 -21.89 3.25
N PRO B 189 -7.12 -22.00 4.37
CA PRO B 189 -6.84 -21.14 5.52
C PRO B 189 -5.47 -21.32 6.13
N GLN B 190 -4.75 -22.39 5.77
CA GLN B 190 -3.35 -22.52 6.20
C GLN B 190 -2.41 -21.70 5.33
N GLU B 191 -2.79 -21.44 4.08
CA GLU B 191 -1.90 -20.74 3.17
C GLU B 191 -2.15 -19.24 3.12
N TYR B 192 -3.40 -18.81 3.26
CA TYR B 192 -3.79 -17.41 3.05
C TYR B 192 -4.73 -16.96 4.15
N ALA B 193 -4.83 -15.63 4.29
CA ALA B 193 -5.84 -15.01 5.13
C ALA B 193 -6.20 -13.66 4.53
N VAL B 194 -7.35 -13.15 4.97
CA VAL B 194 -7.89 -11.91 4.41
C VAL B 194 -7.00 -10.75 4.82
N SER B 195 -6.64 -9.90 3.86
CA SER B 195 -5.85 -8.70 4.11
C SER B 195 -6.71 -7.43 4.13
N VAL B 196 -7.46 -7.19 3.06
CA VAL B 196 -8.22 -5.96 2.92
C VAL B 196 -9.12 -6.14 1.71
N ALA B 197 -10.13 -5.31 1.58
CA ALA B 197 -11.08 -5.49 0.49
C ALA B 197 -11.34 -4.15 -0.20
N ALA B 198 -12.04 -4.20 -1.34
CA ALA B 198 -12.33 -3.01 -2.11
C ALA B 198 -13.61 -3.24 -2.91
N THR B 199 -14.49 -2.25 -2.91
CA THR B 199 -15.63 -2.21 -3.81
C THR B 199 -15.32 -1.37 -5.04
N PHE B 200 -16.02 -1.67 -6.14
CA PHE B 200 -15.87 -0.95 -7.41
C PHE B 200 -17.24 -0.81 -8.05
N GLY B 201 -17.45 0.35 -8.66
CA GLY B 201 -18.67 0.59 -9.43
C GLY B 201 -18.71 2.02 -9.90
N TYR B 202 -19.94 2.52 -10.07
CA TYR B 202 -20.22 3.87 -10.49
C TYR B 202 -20.96 4.59 -9.38
N ARG B 203 -20.46 5.75 -8.97
CA ARG B 203 -21.00 6.45 -7.81
C ARG B 203 -22.33 7.07 -8.16
N SER B 204 -23.15 7.35 -7.14
CA SER B 204 -24.41 8.05 -7.34
C SER B 204 -24.38 9.48 -6.80
N ARG B 205 -23.30 9.90 -6.12
CA ARG B 205 -23.21 11.24 -5.56
C ARG B 205 -21.93 11.93 -6.03
N ASP B 206 -21.99 13.27 -6.05
CA ASP B 206 -20.83 14.10 -6.31
C ASP B 206 -19.70 13.73 -5.34
N ILE B 207 -18.47 13.91 -5.80
CA ILE B 207 -17.31 13.60 -4.98
C ILE B 207 -17.15 14.69 -3.90
N ALA B 208 -16.97 14.26 -2.67
CA ALA B 208 -16.70 15.20 -1.59
C ALA B 208 -15.23 15.62 -1.64
N LYS B 209 -15.00 16.93 -1.50
CA LYS B 209 -13.66 17.47 -1.61
C LYS B 209 -12.72 16.83 -0.58
N LYS B 210 -11.43 16.83 -0.90
CA LYS B 210 -10.42 16.18 -0.09
C LYS B 210 -10.20 16.89 1.24
N SER B 211 -10.04 16.12 2.31
CA SER B 211 -9.64 16.66 3.61
C SER B 211 -8.39 15.91 4.04
N ARG B 212 -7.25 16.57 3.94
CA ARG B 212 -5.98 15.99 4.33
C ARG B 212 -5.24 16.98 5.20
N LYS B 213 -4.26 16.47 5.94
CA LYS B 213 -3.26 17.33 6.55
C LYS B 213 -2.47 18.04 5.46
N GLY B 214 -1.97 19.23 5.78
CA GLY B 214 -1.23 19.99 4.81
C GLY B 214 0.13 19.39 4.51
N LEU B 215 0.66 19.76 3.33
CA LEU B 215 1.96 19.28 2.90
C LEU B 215 3.04 19.61 3.92
N ASP B 216 3.00 20.82 4.48
CA ASP B 216 3.97 21.28 5.46
C ASP B 216 3.90 20.50 6.77
N GLU B 217 2.80 19.80 7.05
N GLU B 217 2.81 19.78 7.01
CA GLU B 217 2.78 18.95 8.23
CA GLU B 217 2.62 18.95 8.19
C GLU B 217 3.27 17.54 7.97
C GLU B 217 3.15 17.53 7.99
N VAL B 218 2.99 16.98 6.79
CA VAL B 218 3.35 15.58 6.51
C VAL B 218 4.72 15.44 5.84
N VAL B 219 5.32 16.51 5.35
CA VAL B 219 6.65 16.45 4.76
C VAL B 219 7.64 17.14 5.68
N LYS B 220 8.81 16.53 5.85
CA LYS B 220 9.93 17.18 6.51
C LYS B 220 11.13 17.06 5.60
N TRP B 221 11.67 18.19 5.17
CA TRP B 221 12.79 18.21 4.24
C TRP B 221 14.10 18.19 5.01
N VAL B 222 14.97 17.24 4.67
CA VAL B 222 16.29 17.16 5.31
C VAL B 222 17.34 17.52 4.27
N GLY B 223 17.67 18.80 4.18
CA GLY B 223 18.63 19.28 3.20
C GLY B 223 20.09 19.23 3.66
N1 FMN C . 14.31 -3.35 -4.66
C2 FMN C . 15.57 -3.02 -4.28
O2 FMN C . 16.44 -2.79 -5.12
N3 FMN C . 15.95 -3.07 -2.97
C4 FMN C . 15.05 -3.30 -1.96
O4 FMN C . 15.43 -3.28 -0.79
C4A FMN C . 13.69 -3.47 -2.31
N5 FMN C . 12.77 -3.50 -1.37
C5A FMN C . 11.47 -3.42 -1.80
C6 FMN C . 10.45 -3.18 -0.85
C7 FMN C . 9.14 -2.99 -1.24
C7M FMN C . 8.07 -2.71 -0.22
C8 FMN C . 8.79 -3.12 -2.61
C8M FMN C . 7.35 -3.00 -3.04
C9 FMN C . 9.76 -3.48 -3.52
C9A FMN C . 11.11 -3.61 -3.15
N10 FMN C . 12.12 -3.89 -4.07
C10 FMN C . 13.42 -3.58 -3.72
C1' FMN C . 11.79 -3.99 -5.50
C2' FMN C . 11.20 -5.33 -5.88
O2' FMN C . 12.16 -6.40 -5.76
C3' FMN C . 10.54 -5.23 -7.27
O3' FMN C . 9.48 -4.28 -7.20
C4' FMN C . 9.99 -6.51 -7.89
O4' FMN C . 11.03 -7.46 -8.14
C5' FMN C . 9.17 -6.25 -9.15
O5' FMN C . 9.87 -5.50 -10.19
P FMN C . 9.29 -4.09 -10.67
O1P FMN C . 10.38 -3.48 -11.53
O2P FMN C . 8.02 -4.40 -11.45
O3P FMN C . 9.02 -3.31 -9.40
CL CL D . 7.90 13.54 15.14
C ACY E . -12.96 1.66 8.38
O ACY E . -11.82 2.19 8.06
OXT ACY E . -14.09 2.13 8.26
CH3 ACY E . -12.77 0.32 8.88
N1 FMN F . -14.35 3.66 3.98
C2 FMN F . -15.54 3.07 4.30
O2 FMN F . -16.62 3.57 3.93
N3 FMN F . -15.59 1.81 4.79
C4 FMN F . -14.45 1.13 5.18
O4 FMN F . -14.56 -0.05 5.48
C4A FMN F . -13.20 1.73 4.94
N5 FMN F . -12.10 1.02 5.12
C5A FMN F . -10.91 1.56 4.66
C6 FMN F . -9.77 0.73 4.61
C7 FMN F . -8.55 1.23 4.20
C7M FMN F . -7.39 0.29 4.06
C8 FMN F . -8.51 2.50 3.57
C8M FMN F . -7.32 2.93 2.75
C9 FMN F . -9.60 3.32 3.63
C9A FMN F . -10.83 2.87 4.16
N10 FMN F . -12.01 3.60 4.00
C10 FMN F . -13.23 3.03 4.31
C1' FMN F . -11.95 4.88 3.28
C2' FMN F . -11.44 6.04 4.13
O2' FMN F . -12.41 6.40 5.13
C3' FMN F . -11.08 7.24 3.24
O3' FMN F . -10.07 6.86 2.32
C4' FMN F . -10.58 8.51 3.94
O4' FMN F . -11.65 9.03 4.73
C5' FMN F . -10.14 9.57 2.97
O5' FMN F . -11.28 9.93 2.14
P FMN F . -11.16 9.71 0.53
O1P FMN F . -12.55 10.02 0.00
O2P FMN F . -10.09 10.68 0.03
O3P FMN F . -10.74 8.26 0.33
C ACY G . 14.17 -6.28 -0.67
O ACY G . 15.26 -6.32 -1.22
OXT ACY G . 13.01 -6.41 -1.22
CH3 ACY G . 14.06 -6.06 0.81
CL CL H . -21.32 1.22 3.18
CL CL I . -22.94 11.60 -10.30
#